data_9NJW
#
_entry.id   9NJW
#
_cell.length_a   155.894
_cell.length_b   155.894
_cell.length_c   155.894
_cell.angle_alpha   90.000
_cell.angle_beta   90.000
_cell.angle_gamma   90.000
#
_symmetry.space_group_name_H-M   'I 21 3'
#
loop_
_entity.id
_entity.type
_entity.pdbx_description
1 polymer 'Cytochrome P450, CYP11A1'
2 non-polymer 'PROTOPORPHYRIN IX CONTAINING FE'
3 non-polymer CHOLESTEROL
4 water water
#
_entity_poly.entity_id   1
_entity_poly.type   'polypeptide(L)'
_entity_poly.pdbx_seq_one_letter_code
;MASGSAVRPFDEIPGNWRNGWLNLYRFWRSNGFRNLHHIMVKNFNKFGPIYREKIGYYESVNIINPEDAATLFKAEGLFP
RRLRVEPWVAYRDYRNQKYGVLLKNGEDWRSNRLILNKEVISPNVIQKFVPLLNEVAQDFVSMVHKQIERSGRGKWTVDL
SNDLFRFALESVCYVLYGERLGLLQDNPNPESQRFIDSVTLMFKTTSPMLYIPPGLLRRINSKIWRDHVEAWDVIFNHAD
KCIQKIYRQFRLGQKNENEYPGVLANLLLQGKLPIEDIKASITELMAGGVDTTSMTLLWTLYELARNPHVQEELRAEILA
ARQQAQGDLSKMLKSVPLLKAAIKETLRLYPVAVSLQRYITEDIVLQNYHIPAGTLVQVGLYAMGRNPEIFPNPEQYNPE
RWLKREDNHFKSLGFGFGPRQCIGRRIAETEMQLFLIHMLQNFKIETNSMAEVKTTFDLILVPEKPILLTLRPINSSPHH
HHHH
;
_entity_poly.pdbx_strand_id   A
#
# COMPACT_ATOMS: atom_id res chain seq x y z
N VAL A 7 31.32 -19.46 8.86
CA VAL A 7 30.81 -18.16 8.43
C VAL A 7 31.77 -17.52 7.42
N ARG A 8 31.23 -17.21 6.24
CA ARG A 8 31.97 -16.61 5.13
C ARG A 8 31.98 -15.09 5.27
N PRO A 9 33.07 -14.44 4.85
CA PRO A 9 33.19 -12.99 5.04
C PRO A 9 32.13 -12.23 4.27
N PHE A 10 31.96 -10.95 4.64
CA PHE A 10 30.99 -10.09 3.98
C PHE A 10 31.43 -9.69 2.58
N ASP A 11 32.73 -9.71 2.30
CA ASP A 11 33.25 -9.37 0.98
C ASP A 11 33.21 -10.56 0.01
N GLU A 12 32.52 -11.64 0.37
CA GLU A 12 32.36 -12.78 -0.51
C GLU A 12 30.92 -13.03 -0.92
N ILE A 13 29.98 -12.19 -0.49
CA ILE A 13 28.58 -12.35 -0.88
C ILE A 13 28.46 -12.13 -2.39
N PRO A 14 27.75 -12.99 -3.11
CA PRO A 14 27.61 -12.78 -4.57
C PRO A 14 26.89 -11.48 -4.87
N GLY A 15 27.04 -11.03 -6.11
CA GLY A 15 26.36 -9.84 -6.57
C GLY A 15 27.26 -9.03 -7.48
N ASN A 16 26.85 -7.77 -7.70
CA ASN A 16 27.56 -6.86 -8.58
C ASN A 16 28.13 -5.66 -7.83
N TRP A 17 28.20 -5.74 -6.51
CA TRP A 17 28.61 -4.60 -5.69
C TRP A 17 30.00 -4.08 -6.01
N ARG A 18 30.77 -4.79 -6.83
CA ARG A 18 32.13 -4.38 -7.17
C ARG A 18 32.18 -3.45 -8.37
N ASN A 19 31.03 -3.08 -8.93
CA ASN A 19 30.97 -2.14 -10.06
C ASN A 19 29.85 -1.14 -9.82
N GLY A 20 29.85 -0.54 -8.63
CA GLY A 20 28.74 0.34 -8.26
C GLY A 20 28.54 1.49 -9.23
N TRP A 21 29.62 2.02 -9.79
CA TRP A 21 29.48 3.13 -10.71
C TRP A 21 29.08 2.67 -12.10
N LEU A 22 29.50 1.48 -12.51
CA LEU A 22 29.02 0.91 -13.76
C LEU A 22 27.56 0.52 -13.65
N ASN A 23 27.11 0.08 -12.46
CA ASN A 23 25.72 -0.26 -12.27
C ASN A 23 24.82 0.98 -12.29
N LEU A 24 25.34 2.12 -11.83
CA LEU A 24 24.58 3.36 -11.91
C LEU A 24 24.38 3.76 -13.36
N TYR A 25 25.41 3.61 -14.19
CA TYR A 25 25.27 3.91 -15.62
C TYR A 25 24.27 2.97 -16.29
N ARG A 26 24.28 1.69 -15.92
CA ARG A 26 23.33 0.75 -16.51
C ARG A 26 21.91 1.02 -16.04
N PHE A 27 21.75 1.61 -14.86
CA PHE A 27 20.41 1.88 -14.33
C PHE A 27 19.75 3.05 -15.04
N TRP A 28 20.52 4.09 -15.37
CA TRP A 28 19.95 5.31 -15.95
C TRP A 28 20.05 5.38 -17.46
N ARG A 29 20.87 4.53 -18.10
CA ARG A 29 21.06 4.64 -19.54
C ARG A 29 19.78 4.38 -20.31
N SER A 30 18.93 3.48 -19.80
CA SER A 30 17.68 3.14 -20.45
C SER A 30 16.81 2.39 -19.46
N ASN A 31 15.52 2.73 -19.43
CA ASN A 31 14.59 2.12 -18.48
C ASN A 31 15.13 2.19 -17.06
N GLY A 32 15.37 1.04 -16.45
CA GLY A 32 15.94 1.00 -15.13
C GLY A 32 14.92 1.32 -14.05
N PHE A 33 14.55 2.59 -13.93
CA PHE A 33 13.59 2.98 -12.89
C PHE A 33 12.20 2.42 -13.14
N ARG A 34 11.99 1.68 -14.23
CA ARG A 34 10.71 1.05 -14.52
C ARG A 34 10.69 -0.45 -14.30
N ASN A 35 11.84 -1.10 -14.20
CA ASN A 35 11.93 -2.55 -14.11
C ASN A 35 12.69 -3.02 -12.88
N LEU A 36 12.61 -2.26 -11.79
CA LEU A 36 13.31 -2.66 -10.57
C LEU A 36 12.82 -4.01 -10.06
N HIS A 37 11.55 -4.35 -10.28
CA HIS A 37 11.05 -5.65 -9.84
C HIS A 37 11.59 -6.77 -10.72
N HIS A 38 11.69 -6.53 -12.03
CA HIS A 38 12.27 -7.54 -12.92
C HIS A 38 13.75 -7.72 -12.65
N ILE A 39 14.46 -6.62 -12.38
CA ILE A 39 15.88 -6.71 -12.06
C ILE A 39 16.10 -7.55 -10.81
N MET A 40 15.20 -7.42 -9.83
CA MET A 40 15.32 -8.18 -8.60
C MET A 40 15.19 -9.68 -8.86
N VAL A 41 14.32 -10.05 -9.81
CA VAL A 41 14.11 -11.46 -10.10
C VAL A 41 15.38 -12.10 -10.66
N LYS A 42 16.03 -11.42 -11.60
CA LYS A 42 17.22 -11.99 -12.22
C LYS A 42 18.39 -12.06 -11.24
N ASN A 43 18.59 -11.00 -10.45
CA ASN A 43 19.66 -11.02 -9.47
C ASN A 43 19.54 -12.19 -8.51
N PHE A 44 18.31 -12.63 -8.21
CA PHE A 44 18.14 -13.82 -7.40
C PHE A 44 18.32 -15.10 -8.20
N ASN A 45 17.92 -15.09 -9.48
CA ASN A 45 18.09 -16.26 -10.32
C ASN A 45 19.53 -16.45 -10.78
N LYS A 46 20.39 -15.45 -10.63
CA LYS A 46 21.80 -15.56 -11.00
C LYS A 46 22.72 -15.75 -9.80
N PHE A 47 22.50 -15.00 -8.72
CA PHE A 47 23.39 -15.02 -7.57
C PHE A 47 22.91 -15.93 -6.44
N GLY A 48 21.68 -16.46 -6.52
CA GLY A 48 21.19 -17.36 -5.51
C GLY A 48 20.20 -16.71 -4.55
N PRO A 49 20.02 -17.32 -3.37
CA PRO A 49 19.05 -16.80 -2.41
C PRO A 49 19.47 -15.53 -1.71
N ILE A 50 20.68 -15.02 -1.98
CA ILE A 50 21.15 -13.79 -1.37
C ILE A 50 22.20 -13.15 -2.27
N TYR A 51 22.08 -11.84 -2.49
CA TYR A 51 23.08 -11.11 -3.26
C TYR A 51 23.27 -9.73 -2.64
N ARG A 52 24.43 -9.15 -2.92
CA ARG A 52 24.83 -7.84 -2.40
C ARG A 52 24.90 -6.87 -3.57
N GLU A 53 24.14 -5.78 -3.49
CA GLU A 53 24.00 -4.85 -4.60
C GLU A 53 24.49 -3.47 -4.22
N LYS A 54 25.18 -2.81 -5.17
CA LYS A 54 25.66 -1.44 -4.99
C LYS A 54 25.41 -0.67 -6.28
N ILE A 55 24.72 0.46 -6.17
CA ILE A 55 24.39 1.32 -7.29
C ILE A 55 24.65 2.75 -6.87
N GLY A 56 25.80 3.29 -7.28
CA GLY A 56 26.18 4.60 -6.76
C GLY A 56 26.50 4.50 -5.29
N TYR A 57 25.95 5.42 -4.50
CA TYR A 57 26.12 5.36 -3.05
C TYR A 57 25.12 4.43 -2.38
N TYR A 58 24.19 3.84 -3.14
CA TYR A 58 23.22 2.91 -2.58
C TYR A 58 23.83 1.51 -2.53
N GLU A 59 23.69 0.84 -1.39
CA GLU A 59 24.18 -0.53 -1.24
C GLU A 59 23.26 -1.28 -0.29
N SER A 60 23.02 -2.54 -0.59
CA SER A 60 22.08 -3.34 0.21
C SER A 60 22.36 -4.82 0.01
N VAL A 61 21.89 -5.61 0.96
CA VAL A 61 21.91 -7.06 0.90
C VAL A 61 20.48 -7.55 0.76
N ASN A 62 20.22 -8.37 -0.25
CA ASN A 62 18.88 -8.81 -0.59
C ASN A 62 18.73 -10.31 -0.35
N ILE A 63 17.60 -10.70 0.23
CA ILE A 63 17.28 -12.09 0.53
C ILE A 63 15.88 -12.39 0.02
N ILE A 64 15.63 -13.68 -0.23
CA ILE A 64 14.35 -14.11 -0.78
C ILE A 64 13.68 -15.21 0.02
N ASN A 65 14.39 -15.95 0.87
CA ASN A 65 13.77 -17.05 1.59
C ASN A 65 13.04 -16.53 2.83
N PRO A 66 11.82 -17.00 3.09
CA PRO A 66 11.11 -16.58 4.31
C PRO A 66 11.91 -16.81 5.58
N GLU A 67 12.66 -17.90 5.66
CA GLU A 67 13.50 -18.15 6.82
C GLU A 67 14.47 -17.00 7.04
N ASP A 68 15.13 -16.55 5.97
CA ASP A 68 16.08 -15.44 6.08
C ASP A 68 15.38 -14.18 6.57
N ALA A 69 14.14 -13.94 6.12
CA ALA A 69 13.41 -12.76 6.56
C ALA A 69 13.18 -12.78 8.07
N ALA A 70 13.02 -13.98 8.65
CA ALA A 70 12.83 -14.08 10.09
C ALA A 70 14.07 -13.62 10.84
N THR A 71 15.25 -14.09 10.41
CA THR A 71 16.48 -13.64 11.03
C THR A 71 16.65 -12.13 10.91
N LEU A 72 16.18 -11.55 9.81
CA LEU A 72 16.32 -10.12 9.60
C LEU A 72 15.42 -9.33 10.54
N PHE A 73 14.15 -9.72 10.64
CA PHE A 73 13.22 -8.99 11.51
C PHE A 73 13.53 -9.20 12.99
N LYS A 74 14.45 -10.08 13.35
CA LYS A 74 14.84 -10.27 14.73
C LYS A 74 16.00 -9.36 15.13
N ALA A 75 16.64 -8.69 14.18
CA ALA A 75 17.76 -7.80 14.44
C ALA A 75 17.47 -6.36 14.03
N GLU A 76 16.21 -6.02 13.80
CA GLU A 76 15.86 -4.66 13.38
C GLU A 76 16.03 -3.64 14.50
N GLY A 77 16.13 -4.09 15.74
CA GLY A 77 16.27 -3.18 16.86
C GLY A 77 14.94 -2.71 17.41
N LEU A 78 15.04 -1.90 18.46
CA LEU A 78 13.83 -1.37 19.10
C LEU A 78 13.16 -0.30 18.25
N PHE A 79 13.90 0.36 17.36
CA PHE A 79 13.37 1.39 16.48
C PHE A 79 13.80 1.06 15.05
N PRO A 80 13.06 0.17 14.38
CA PRO A 80 13.44 -0.23 13.03
C PRO A 80 13.37 0.93 12.06
N ARG A 81 14.28 0.91 11.08
CA ARG A 81 14.42 1.99 10.11
C ARG A 81 14.47 1.40 8.71
N ARG A 82 13.64 1.95 7.83
CA ARG A 82 13.65 1.50 6.43
C ARG A 82 14.18 2.62 5.56
N LEU A 83 14.08 2.48 4.25
CA LEU A 83 14.47 3.54 3.33
C LEU A 83 13.51 4.71 3.43
N ARG A 84 14.05 5.92 3.42
CA ARG A 84 13.24 7.11 3.57
C ARG A 84 12.68 7.58 2.23
N VAL A 85 11.63 8.40 2.31
CA VAL A 85 10.98 8.97 1.14
C VAL A 85 11.57 10.35 0.95
N GLU A 86 12.67 10.42 0.20
CA GLU A 86 13.39 11.69 0.03
C GLU A 86 12.47 12.86 -0.27
N PRO A 87 11.61 12.82 -1.29
CA PRO A 87 10.76 14.00 -1.56
C PRO A 87 9.85 14.35 -0.40
N TRP A 88 9.25 13.36 0.26
CA TRP A 88 8.31 13.66 1.35
C TRP A 88 9.03 14.32 2.52
N VAL A 89 10.22 13.85 2.86
CA VAL A 89 10.98 14.49 3.94
C VAL A 89 11.40 15.89 3.53
N ALA A 90 11.84 16.06 2.28
CA ALA A 90 12.27 17.37 1.81
C ALA A 90 11.17 18.41 2.01
N TYR A 91 9.91 18.01 1.81
CA TYR A 91 8.81 18.96 1.98
C TYR A 91 8.67 19.40 3.42
N ARG A 92 8.75 18.46 4.36
CA ARG A 92 8.61 18.82 5.77
C ARG A 92 9.74 19.74 6.21
N ASP A 93 10.95 19.51 5.71
CA ASP A 93 12.07 20.40 6.05
C ASP A 93 11.88 21.77 5.45
N TYR A 94 11.35 21.85 4.22
CA TYR A 94 11.20 23.14 3.55
C TYR A 94 10.11 23.97 4.21
N ARG A 95 9.03 23.34 4.66
CA ARG A 95 7.91 24.04 5.29
C ARG A 95 7.99 24.04 6.81
N ASN A 96 9.08 23.52 7.39
CA ASN A 96 9.24 23.43 8.83
C ASN A 96 8.06 22.71 9.49
N GLN A 97 7.61 21.64 8.85
CA GLN A 97 6.58 20.78 9.40
C GLN A 97 7.20 19.60 10.16
N LYS A 98 6.42 19.04 11.08
CA LYS A 98 6.88 17.91 11.87
C LYS A 98 6.86 16.63 11.04
N TYR A 99 7.70 15.68 11.44
CA TYR A 99 7.69 14.36 10.82
C TYR A 99 6.56 13.52 11.40
N GLY A 100 5.83 12.83 10.53
CA GLY A 100 4.78 11.94 10.95
C GLY A 100 5.33 10.59 11.36
N VAL A 101 4.40 9.67 11.66
CA VAL A 101 4.79 8.34 12.10
C VAL A 101 5.58 7.60 11.03
N LEU A 102 5.41 7.97 9.76
CA LEU A 102 6.14 7.30 8.70
C LEU A 102 7.57 7.81 8.58
N LEU A 103 7.78 9.11 8.79
CA LEU A 103 9.09 9.72 8.59
C LEU A 103 9.97 9.70 9.83
N LYS A 104 9.39 9.59 11.03
CA LYS A 104 10.18 9.63 12.25
C LYS A 104 11.02 8.37 12.40
N ASN A 105 11.98 8.43 13.31
CA ASN A 105 12.83 7.30 13.65
C ASN A 105 13.14 7.35 15.13
N GLY A 106 13.93 6.37 15.59
CA GLY A 106 14.30 6.33 16.99
C GLY A 106 13.08 6.31 17.90
N GLU A 107 13.31 6.77 19.14
CA GLU A 107 12.26 6.76 20.15
C GLU A 107 11.10 7.70 19.79
N ASP A 108 11.36 8.73 18.97
CA ASP A 108 10.28 9.61 18.55
C ASP A 108 9.22 8.86 17.77
N TRP A 109 9.66 7.92 16.92
CA TRP A 109 8.70 7.09 16.19
C TRP A 109 7.92 6.19 17.13
N ARG A 110 8.64 5.48 18.01
CA ARG A 110 7.97 4.57 18.94
C ARG A 110 7.02 5.32 19.85
N SER A 111 7.45 6.48 20.37
CA SER A 111 6.56 7.28 21.19
C SER A 111 5.25 7.61 20.47
N ASN A 112 5.34 7.92 19.17
CA ASN A 112 4.14 8.21 18.40
C ASN A 112 3.42 6.95 17.99
N ARG A 113 4.15 5.93 17.54
CA ARG A 113 3.53 4.71 17.05
C ARG A 113 2.59 4.10 18.10
N LEU A 114 3.02 4.07 19.36
CA LEU A 114 2.19 3.47 20.40
C LEU A 114 0.90 4.25 20.60
N ILE A 115 0.95 5.58 20.48
CA ILE A 115 -0.26 6.38 20.63
C ILE A 115 -1.17 6.21 19.42
N LEU A 116 -0.59 6.12 18.22
CA LEU A 116 -1.39 5.97 17.01
C LEU A 116 -2.03 4.60 16.94
N ASN A 117 -1.31 3.56 17.38
CA ASN A 117 -1.85 2.20 17.30
C ASN A 117 -3.20 2.09 17.98
N LYS A 118 -3.38 2.78 19.12
CA LYS A 118 -4.61 2.67 19.89
C LYS A 118 -5.82 3.13 19.08
N GLU A 119 -5.63 4.09 18.17
CA GLU A 119 -6.74 4.71 17.46
C GLU A 119 -6.77 4.35 15.98
N VAL A 120 -5.91 3.44 15.52
CA VAL A 120 -5.81 3.14 14.09
C VAL A 120 -5.90 1.64 13.82
N ILE A 121 -5.27 0.84 14.68
CA ILE A 121 -5.14 -0.60 14.42
C ILE A 121 -5.71 -1.47 15.53
N SER A 122 -6.10 -0.89 16.67
CA SER A 122 -6.62 -1.71 17.76
C SER A 122 -7.99 -2.29 17.38
N PRO A 123 -8.28 -3.54 17.77
CA PRO A 123 -9.59 -4.11 17.44
C PRO A 123 -10.77 -3.30 17.96
N ASN A 124 -10.57 -2.47 18.99
CA ASN A 124 -11.65 -1.65 19.51
C ASN A 124 -12.15 -0.68 18.44
N VAL A 125 -11.23 0.04 17.79
CA VAL A 125 -11.62 1.05 16.82
C VAL A 125 -11.91 0.44 15.44
N ILE A 126 -11.33 -0.73 15.13
CA ILE A 126 -11.63 -1.38 13.86
C ILE A 126 -13.14 -1.59 13.72
N GLN A 127 -13.80 -2.01 14.80
CA GLN A 127 -15.24 -2.22 14.74
C GLN A 127 -16.00 -0.91 14.57
N LYS A 128 -15.42 0.21 15.03
CA LYS A 128 -16.05 1.50 14.80
C LYS A 128 -15.92 1.97 13.36
N PHE A 129 -14.97 1.41 12.61
CA PHE A 129 -14.76 1.78 11.22
C PHE A 129 -15.65 1.01 10.25
N VAL A 130 -15.94 -0.26 10.56
CA VAL A 130 -16.72 -1.08 9.63
C VAL A 130 -17.95 -0.36 9.11
N PRO A 131 -18.78 0.28 9.94
CA PRO A 131 -19.93 1.02 9.40
C PRO A 131 -19.52 2.14 8.47
N LEU A 132 -18.46 2.88 8.79
CA LEU A 132 -18.01 3.97 7.92
C LEU A 132 -17.55 3.44 6.58
N LEU A 133 -16.65 2.45 6.59
CA LEU A 133 -16.18 1.87 5.34
C LEU A 133 -17.32 1.24 4.55
N ASN A 134 -18.21 0.51 5.23
CA ASN A 134 -19.31 -0.13 4.51
C ASN A 134 -20.18 0.90 3.81
N GLU A 135 -20.36 2.07 4.43
CA GLU A 135 -21.13 3.14 3.80
C GLU A 135 -20.52 3.53 2.47
N VAL A 136 -19.20 3.77 2.44
CA VAL A 136 -18.54 4.15 1.20
C VAL A 136 -18.64 3.04 0.18
N ALA A 137 -18.49 1.77 0.62
CA ALA A 137 -18.59 0.66 -0.30
C ALA A 137 -20.00 0.53 -0.88
N GLN A 138 -21.02 0.93 -0.12
CA GLN A 138 -22.38 0.89 -0.64
C GLN A 138 -22.59 1.96 -1.70
N ASP A 139 -21.98 3.13 -1.53
CA ASP A 139 -22.11 4.18 -2.53
C ASP A 139 -21.35 3.84 -3.81
N PHE A 140 -20.27 3.06 -3.71
CA PHE A 140 -19.56 2.64 -4.91
C PHE A 140 -20.42 1.72 -5.76
N VAL A 141 -21.08 0.74 -5.13
CA VAL A 141 -21.95 -0.16 -5.88
C VAL A 141 -23.10 0.62 -6.52
N SER A 142 -23.60 1.63 -5.83
CA SER A 142 -24.64 2.48 -6.42
C SER A 142 -24.13 3.16 -7.69
N MET A 143 -22.91 3.67 -7.65
CA MET A 143 -22.33 4.30 -8.84
C MET A 143 -22.27 3.32 -10.00
N VAL A 144 -21.79 2.10 -9.75
CA VAL A 144 -21.65 1.13 -10.83
C VAL A 144 -23.01 0.82 -11.46
N HIS A 145 -24.05 0.69 -10.65
CA HIS A 145 -25.37 0.40 -11.19
C HIS A 145 -25.83 1.50 -12.15
N LYS A 146 -25.65 2.76 -11.76
CA LYS A 146 -26.04 3.87 -12.63
C LYS A 146 -25.32 3.80 -13.97
N GLN A 147 -24.00 3.55 -13.94
CA GLN A 147 -23.24 3.47 -15.19
C GLN A 147 -23.71 2.30 -16.05
N ILE A 148 -24.08 1.18 -15.42
CA ILE A 148 -24.61 0.05 -16.18
C ILE A 148 -25.96 0.40 -16.78
N GLU A 149 -26.75 1.23 -16.10
CA GLU A 149 -28.00 1.73 -16.68
C GLU A 149 -27.73 2.58 -17.90
N ARG A 150 -26.84 3.57 -17.76
CA ARG A 150 -26.50 4.45 -18.87
C ARG A 150 -26.06 3.65 -20.10
N SER A 151 -25.08 2.75 -19.91
CA SER A 151 -24.53 2.02 -21.05
C SER A 151 -25.58 1.14 -21.72
N GLY A 152 -26.50 0.56 -20.95
CA GLY A 152 -27.49 -0.34 -21.49
C GLY A 152 -26.92 -1.74 -21.67
N ARG A 153 -27.81 -2.65 -22.09
CA ARG A 153 -27.49 -4.07 -22.28
C ARG A 153 -26.93 -4.72 -21.02
N GLY A 154 -27.08 -4.08 -19.87
CA GLY A 154 -26.61 -4.65 -18.62
C GLY A 154 -25.13 -4.97 -18.59
N LYS A 155 -24.30 -4.09 -19.17
CA LYS A 155 -22.86 -4.27 -19.14
C LYS A 155 -22.19 -2.90 -19.06
N TRP A 156 -21.01 -2.86 -18.46
CA TRP A 156 -20.23 -1.63 -18.37
C TRP A 156 -18.75 -2.01 -18.45
N THR A 157 -18.17 -1.88 -19.65
CA THR A 157 -16.75 -2.12 -19.85
C THR A 157 -16.00 -0.81 -19.64
N VAL A 158 -15.12 -0.78 -18.64
CA VAL A 158 -14.46 0.45 -18.24
C VAL A 158 -13.16 0.10 -17.56
N ASP A 159 -12.21 1.03 -17.60
CA ASP A 159 -11.00 0.95 -16.79
C ASP A 159 -11.30 1.64 -15.45
N LEU A 160 -11.32 0.85 -14.37
CA LEU A 160 -11.74 1.34 -13.07
C LEU A 160 -10.61 2.00 -12.27
N SER A 161 -9.45 2.22 -12.89
CA SER A 161 -8.31 2.77 -12.14
C SER A 161 -8.68 4.05 -11.42
N ASN A 162 -9.24 5.01 -12.14
CA ASN A 162 -9.59 6.29 -11.51
C ASN A 162 -10.66 6.10 -10.45
N ASP A 163 -11.67 5.27 -10.72
CA ASP A 163 -12.76 5.09 -9.77
C ASP A 163 -12.29 4.41 -8.50
N LEU A 164 -11.40 3.42 -8.62
CA LEU A 164 -10.86 2.77 -7.42
C LEU A 164 -10.00 3.73 -6.61
N PHE A 165 -9.26 4.60 -7.28
CA PHE A 165 -8.50 5.62 -6.57
C PHE A 165 -9.43 6.49 -5.74
N ARG A 166 -10.58 6.89 -6.31
CA ARG A 166 -11.55 7.68 -5.57
C ARG A 166 -12.09 6.91 -4.38
N PHE A 167 -12.43 5.63 -4.58
CA PHE A 167 -12.92 4.82 -3.47
C PHE A 167 -11.90 4.77 -2.35
N ALA A 168 -10.64 4.49 -2.67
CA ALA A 168 -9.61 4.40 -1.64
C ALA A 168 -9.45 5.71 -0.90
N LEU A 169 -9.45 6.83 -1.64
CA LEU A 169 -9.30 8.13 -1.00
C LEU A 169 -10.52 8.51 -0.18
N GLU A 170 -11.72 8.25 -0.71
CA GLU A 170 -12.94 8.54 0.05
C GLU A 170 -12.99 7.71 1.33
N SER A 171 -12.66 6.42 1.24
CA SER A 171 -12.71 5.55 2.41
C SER A 171 -11.69 5.97 3.46
N VAL A 172 -10.45 6.24 3.04
CA VAL A 172 -9.39 6.56 3.99
C VAL A 172 -9.69 7.88 4.70
N CYS A 173 -10.17 8.88 3.96
CA CYS A 173 -10.46 10.18 4.56
C CYS A 173 -11.72 10.16 5.41
N TYR A 174 -12.64 9.23 5.15
CA TYR A 174 -13.82 9.10 6.00
C TYR A 174 -13.42 8.70 7.41
N VAL A 175 -12.54 7.70 7.54
CA VAL A 175 -12.13 7.23 8.85
C VAL A 175 -11.07 8.11 9.49
N LEU A 176 -10.31 8.86 8.69
CA LEU A 176 -9.26 9.71 9.24
C LEU A 176 -9.78 11.07 9.68
N TYR A 177 -10.60 11.71 8.84
CA TYR A 177 -11.09 13.04 9.15
C TYR A 177 -12.54 13.05 9.63
N GLY A 178 -13.31 12.01 9.33
CA GLY A 178 -14.68 11.92 9.77
C GLY A 178 -15.71 12.52 8.83
N GLU A 179 -15.34 12.80 7.58
CA GLU A 179 -16.26 13.38 6.61
C GLU A 179 -16.14 12.66 5.27
N ARG A 180 -17.21 12.76 4.49
CA ARG A 180 -17.23 12.21 3.14
C ARG A 180 -16.82 13.30 2.15
N LEU A 181 -15.76 13.05 1.39
CA LEU A 181 -15.33 14.01 0.38
C LEU A 181 -16.30 14.08 -0.79
N GLY A 182 -17.11 13.05 -0.99
CA GLY A 182 -18.05 13.05 -2.10
C GLY A 182 -17.44 12.77 -3.45
N LEU A 183 -16.30 12.06 -3.49
CA LEU A 183 -15.63 11.79 -4.75
C LEU A 183 -16.42 10.85 -5.64
N LEU A 184 -17.32 10.06 -5.07
CA LEU A 184 -18.07 9.07 -5.84
C LEU A 184 -19.31 9.66 -6.51
N GLN A 185 -19.58 10.95 -6.32
CA GLN A 185 -20.71 11.59 -6.98
C GLN A 185 -20.40 11.82 -8.46
N ASP A 186 -21.44 12.18 -9.21
CA ASP A 186 -21.25 12.54 -10.60
C ASP A 186 -20.64 13.92 -10.75
N ASN A 187 -20.96 14.85 -9.85
CA ASN A 187 -20.42 16.20 -9.84
C ASN A 187 -19.93 16.53 -8.44
N PRO A 188 -18.73 16.08 -8.09
CA PRO A 188 -18.19 16.38 -6.75
C PRO A 188 -17.98 17.88 -6.57
N ASN A 189 -18.01 18.32 -5.32
CA ASN A 189 -17.81 19.73 -5.04
C ASN A 189 -16.39 20.14 -5.43
N PRO A 190 -16.18 21.42 -5.74
CA PRO A 190 -14.85 21.85 -6.21
C PRO A 190 -13.74 21.60 -5.21
N GLU A 191 -14.02 21.73 -3.90
CA GLU A 191 -12.98 21.53 -2.90
C GLU A 191 -12.44 20.11 -2.93
N SER A 192 -13.32 19.12 -3.15
CA SER A 192 -12.88 17.73 -3.19
C SER A 192 -12.23 17.37 -4.52
N GLN A 193 -12.66 18.01 -5.61
CA GLN A 193 -12.01 17.75 -6.90
C GLN A 193 -10.58 18.28 -6.90
N ARG A 194 -10.38 19.49 -6.36
CA ARG A 194 -9.03 20.03 -6.24
C ARG A 194 -8.20 19.26 -5.24
N PHE A 195 -8.85 18.66 -4.23
CA PHE A 195 -8.11 17.87 -3.25
C PHE A 195 -7.60 16.57 -3.87
N ILE A 196 -8.45 15.86 -4.61
CA ILE A 196 -8.00 14.62 -5.23
C ILE A 196 -6.99 14.91 -6.32
N ASP A 197 -7.10 16.05 -7.00
CA ASP A 197 -6.09 16.42 -7.99
C ASP A 197 -4.76 16.70 -7.31
N SER A 198 -4.78 17.35 -6.14
CA SER A 198 -3.55 17.60 -5.40
C SER A 198 -2.91 16.28 -4.97
N VAL A 199 -3.72 15.39 -4.40
CA VAL A 199 -3.21 14.07 -3.98
C VAL A 199 -2.58 13.37 -5.17
N THR A 200 -3.29 13.31 -6.29
CA THR A 200 -2.76 12.67 -7.49
C THR A 200 -1.44 13.32 -7.92
N LEU A 201 -1.39 14.65 -7.93
CA LEU A 201 -0.17 15.35 -8.29
C LEU A 201 0.94 15.08 -7.30
N MET A 202 0.59 14.88 -6.01
CA MET A 202 1.60 14.56 -5.01
C MET A 202 2.30 13.24 -5.33
N PHE A 203 1.54 12.22 -5.73
CA PHE A 203 2.15 10.94 -6.07
C PHE A 203 2.91 11.02 -7.40
N LYS A 204 2.37 11.78 -8.37
CA LYS A 204 3.04 11.87 -9.66
C LYS A 204 4.41 12.53 -9.54
N THR A 205 4.56 13.49 -8.64
CA THR A 205 5.84 14.18 -8.48
C THR A 205 6.79 13.46 -7.54
N THR A 206 6.29 12.53 -6.72
CA THR A 206 7.20 11.80 -5.84
C THR A 206 8.01 10.76 -6.62
N SER A 207 7.45 10.24 -7.72
CA SER A 207 8.15 9.22 -8.49
C SER A 207 9.50 9.70 -9.02
N PRO A 208 9.59 10.83 -9.73
CA PRO A 208 10.90 11.24 -10.26
C PRO A 208 11.91 11.60 -9.18
N MET A 209 11.48 11.84 -7.94
CA MET A 209 12.38 12.24 -6.86
C MET A 209 12.72 11.10 -5.92
N LEU A 210 12.35 9.85 -6.26
CA LEU A 210 12.76 8.72 -5.43
C LEU A 210 14.26 8.52 -5.50
N TYR A 211 14.85 8.71 -6.69
CA TYR A 211 16.28 8.58 -6.87
C TYR A 211 16.98 9.87 -7.27
N ILE A 212 16.23 10.87 -7.72
CA ILE A 212 16.79 12.18 -8.06
C ILE A 212 16.71 13.06 -6.82
N PRO A 213 17.83 13.48 -6.23
CA PRO A 213 17.78 14.22 -4.96
C PRO A 213 16.86 15.41 -5.05
N PRO A 214 15.84 15.47 -4.19
CA PRO A 214 14.94 16.63 -4.21
C PRO A 214 15.67 17.97 -4.15
N GLY A 215 16.67 18.08 -3.27
CA GLY A 215 17.41 19.33 -3.18
C GLY A 215 17.97 19.79 -4.50
N LEU A 216 18.34 18.85 -5.37
CA LEU A 216 18.83 19.20 -6.69
C LEU A 216 17.72 19.81 -7.55
N LEU A 217 16.55 19.17 -7.56
CA LEU A 217 15.42 19.71 -8.31
C LEU A 217 15.01 21.09 -7.78
N ARG A 218 15.07 21.27 -6.46
CA ARG A 218 14.77 22.58 -5.90
C ARG A 218 15.79 23.63 -6.32
N ARG A 219 17.06 23.24 -6.42
CA ARG A 219 18.10 24.19 -6.80
C ARG A 219 17.85 24.75 -8.19
N ILE A 220 17.39 23.93 -9.12
CA ILE A 220 17.15 24.37 -10.49
C ILE A 220 15.72 24.86 -10.65
N ASN A 221 14.98 24.92 -9.54
CA ASN A 221 13.60 25.42 -9.56
C ASN A 221 12.74 24.60 -10.52
N SER A 222 12.96 23.29 -10.53
CA SER A 222 12.18 22.41 -11.39
C SER A 222 10.70 22.46 -11.04
N LYS A 223 9.85 22.36 -12.06
CA LYS A 223 8.42 22.32 -11.79
C LYS A 223 8.04 21.08 -10.99
N ILE A 224 8.81 20.01 -11.11
CA ILE A 224 8.54 18.80 -10.33
C ILE A 224 8.56 19.11 -8.84
N TRP A 225 9.55 19.89 -8.40
CA TRP A 225 9.63 20.23 -6.99
C TRP A 225 8.54 21.21 -6.59
N ARG A 226 8.27 22.22 -7.43
CA ARG A 226 7.25 23.20 -7.08
C ARG A 226 5.87 22.55 -7.03
N ASP A 227 5.55 21.67 -7.99
CA ASP A 227 4.28 20.96 -7.94
C ASP A 227 4.19 20.07 -6.70
N HIS A 228 5.30 19.43 -6.33
CA HIS A 228 5.29 18.62 -5.11
C HIS A 228 4.92 19.48 -3.90
N VAL A 229 5.50 20.67 -3.81
CA VAL A 229 5.20 21.55 -2.67
C VAL A 229 3.76 22.04 -2.74
N GLU A 230 3.28 22.41 -3.93
CA GLU A 230 1.90 22.86 -4.05
C GLU A 230 0.92 21.77 -3.66
N ALA A 231 1.23 20.52 -4.02
CA ALA A 231 0.33 19.41 -3.71
C ALA A 231 0.26 19.17 -2.20
N TRP A 232 1.42 19.04 -1.56
CA TRP A 232 1.43 18.84 -0.11
C TRP A 232 0.80 20.02 0.63
N ASP A 233 0.95 21.23 0.10
CA ASP A 233 0.29 22.39 0.71
C ASP A 233 -1.21 22.19 0.79
N VAL A 234 -1.83 21.81 -0.32
CA VAL A 234 -3.28 21.60 -0.33
C VAL A 234 -3.68 20.50 0.66
N ILE A 235 -2.87 19.45 0.76
CA ILE A 235 -3.18 18.35 1.67
C ILE A 235 -3.11 18.83 3.11
N PHE A 236 -2.01 19.50 3.48
CA PHE A 236 -1.87 19.98 4.85
C PHE A 236 -2.93 21.02 5.20
N ASN A 237 -3.34 21.81 4.23
CA ASN A 237 -4.39 22.82 4.49
C ASN A 237 -5.70 22.11 4.79
N HIS A 238 -6.01 21.08 4.01
CA HIS A 238 -7.26 20.34 4.23
C HIS A 238 -7.29 19.77 5.64
N ALA A 239 -6.15 19.28 6.15
CA ALA A 239 -6.11 18.78 7.51
C ALA A 239 -6.42 19.90 8.51
N ASP A 240 -5.85 21.09 8.30
CA ASP A 240 -6.16 22.21 9.18
C ASP A 240 -7.63 22.57 9.13
N LYS A 241 -8.24 22.53 7.93
CA LYS A 241 -9.67 22.78 7.83
C LYS A 241 -10.46 21.81 8.70
N CYS A 242 -10.07 20.54 8.70
CA CYS A 242 -10.77 19.56 9.53
C CYS A 242 -10.46 19.76 11.01
N ILE A 243 -9.27 20.24 11.34
CA ILE A 243 -8.96 20.54 12.74
C ILE A 243 -9.78 21.74 13.21
N GLN A 244 -9.91 22.76 12.36
CA GLN A 244 -10.69 23.93 12.74
C GLN A 244 -12.16 23.58 12.95
N LYS A 245 -12.73 22.77 12.05
CA LYS A 245 -14.13 22.38 12.18
C LYS A 245 -14.35 21.49 13.39
N ILE A 246 -13.37 20.65 13.73
CA ILE A 246 -13.50 19.80 14.91
C ILE A 246 -13.46 20.63 16.19
N TYR A 247 -12.53 21.58 16.27
CA TYR A 247 -12.44 22.42 17.45
C TYR A 247 -13.66 23.31 17.62
N ARG A 248 -14.36 23.62 16.52
CA ARG A 248 -15.61 24.36 16.64
C ARG A 248 -16.74 23.46 17.15
N GLN A 249 -16.83 22.22 16.64
CA GLN A 249 -17.79 21.27 17.19
C GLN A 249 -17.56 21.04 18.67
N PHE A 250 -16.29 21.10 19.11
CA PHE A 250 -15.98 20.98 20.53
C PHE A 250 -16.89 21.85 21.38
N ARG A 251 -16.98 23.13 21.05
CA ARG A 251 -17.67 24.09 21.88
C ARG A 251 -19.04 24.44 21.30
N GLU A 259 -21.15 11.42 17.01
CA GLU A 259 -20.23 11.34 18.14
C GLU A 259 -18.97 12.15 17.82
N TYR A 260 -17.83 11.47 17.79
CA TYR A 260 -16.56 12.06 17.35
C TYR A 260 -15.82 11.05 16.48
N PRO A 261 -16.39 10.71 15.33
CA PRO A 261 -15.79 9.66 14.50
C PRO A 261 -14.55 10.15 13.77
N GLY A 262 -13.67 9.22 13.47
CA GLY A 262 -12.45 9.56 12.77
C GLY A 262 -11.26 9.60 13.70
N VAL A 263 -10.10 9.20 13.17
CA VAL A 263 -8.88 9.19 13.96
C VAL A 263 -8.52 10.61 14.40
N LEU A 264 -8.73 11.59 13.53
CA LEU A 264 -8.33 12.97 13.84
C LEU A 264 -9.06 13.49 15.07
N ALA A 265 -10.38 13.33 15.11
CA ALA A 265 -11.15 13.88 16.22
C ALA A 265 -10.72 13.26 17.55
N ASN A 266 -10.56 11.93 17.58
CA ASN A 266 -10.21 11.26 18.83
C ASN A 266 -8.80 11.63 19.29
N LEU A 267 -7.87 11.80 18.35
CA LEU A 267 -6.53 12.21 18.73
C LEU A 267 -6.52 13.61 19.32
N LEU A 268 -7.38 14.50 18.82
CA LEU A 268 -7.45 15.85 19.37
C LEU A 268 -8.15 15.87 20.73
N LEU A 269 -9.05 14.92 20.98
CA LEU A 269 -9.72 14.86 22.28
C LEU A 269 -8.78 14.34 23.36
N GLN A 270 -8.12 13.20 23.10
CA GLN A 270 -7.19 12.67 24.08
C GLN A 270 -6.02 13.63 24.31
N GLY A 271 -5.62 14.36 23.28
CA GLY A 271 -4.58 15.37 23.44
C GLY A 271 -3.26 14.84 23.93
N LYS A 272 -2.97 13.56 23.69
CA LYS A 272 -1.70 12.98 24.12
C LYS A 272 -0.54 13.36 23.20
N LEU A 273 -0.81 13.71 21.95
CA LEU A 273 0.20 14.21 21.04
C LEU A 273 -0.02 15.67 20.73
N PRO A 274 1.04 16.43 20.48
CA PRO A 274 0.87 17.83 20.07
C PRO A 274 0.12 17.90 18.75
N ILE A 275 -0.65 18.98 18.58
CA ILE A 275 -1.44 19.12 17.36
C ILE A 275 -0.55 19.10 16.13
N GLU A 276 0.66 19.63 16.24
CA GLU A 276 1.59 19.60 15.11
C GLU A 276 1.92 18.15 14.74
N ASP A 277 2.23 17.32 15.73
CA ASP A 277 2.51 15.92 15.45
C ASP A 277 1.25 15.17 15.02
N ILE A 278 0.08 15.64 15.44
CA ILE A 278 -1.17 15.04 14.98
C ILE A 278 -1.41 15.37 13.52
N LYS A 279 -1.18 16.63 13.13
CA LYS A 279 -1.34 17.02 11.74
C LYS A 279 -0.41 16.20 10.84
N ALA A 280 0.82 15.97 11.30
CA ALA A 280 1.80 15.27 10.48
C ALA A 280 1.43 13.81 10.26
N SER A 281 0.95 13.13 11.31
CA SER A 281 0.64 11.72 11.18
C SER A 281 -0.65 11.50 10.39
N ILE A 282 -1.67 12.32 10.64
CA ILE A 282 -2.92 12.18 9.89
C ILE A 282 -2.68 12.31 8.40
N THR A 283 -1.69 13.11 8.00
CA THR A 283 -1.41 13.33 6.59
C THR A 283 -0.65 12.15 5.99
N GLU A 284 0.30 11.57 6.74
CA GLU A 284 1.05 10.45 6.22
C GLU A 284 0.22 9.16 6.24
N LEU A 285 -0.73 9.05 7.16
CA LEU A 285 -1.65 7.92 7.12
C LEU A 285 -2.47 7.93 5.84
N MET A 286 -3.01 9.11 5.48
CA MET A 286 -3.80 9.22 4.26
C MET A 286 -2.97 8.86 3.04
N ALA A 287 -1.75 9.38 2.96
CA ALA A 287 -0.91 9.13 1.79
C ALA A 287 -0.52 7.66 1.69
N GLY A 288 -0.47 6.95 2.82
CA GLY A 288 -0.06 5.56 2.80
C GLY A 288 -1.12 4.57 2.39
N GLY A 289 -2.38 4.98 2.34
CA GLY A 289 -3.45 4.03 2.08
C GLY A 289 -4.33 4.33 0.88
N VAL A 290 -3.93 5.28 0.04
CA VAL A 290 -4.74 5.66 -1.12
C VAL A 290 -4.27 4.87 -2.33
N ASP A 291 -3.05 5.13 -2.80
CA ASP A 291 -2.53 4.41 -3.96
C ASP A 291 -2.42 2.91 -3.67
N THR A 292 -2.01 2.57 -2.45
CA THR A 292 -1.81 1.17 -2.09
C THR A 292 -3.12 0.39 -2.17
N THR A 293 -4.17 0.89 -1.51
CA THR A 293 -5.43 0.17 -1.47
C THR A 293 -6.07 0.08 -2.84
N SER A 294 -6.12 1.20 -3.57
CA SER A 294 -6.78 1.22 -4.86
C SER A 294 -6.08 0.32 -5.86
N MET A 295 -4.75 0.29 -5.84
CA MET A 295 -4.02 -0.57 -6.77
C MET A 295 -4.22 -2.04 -6.43
N THR A 296 -4.14 -2.39 -5.14
CA THR A 296 -4.38 -3.77 -4.74
C THR A 296 -5.77 -4.23 -5.15
N LEU A 297 -6.76 -3.33 -5.06
CA LEU A 297 -8.09 -3.67 -5.55
C LEU A 297 -8.11 -3.83 -7.06
N LEU A 298 -7.31 -3.04 -7.78
CA LEU A 298 -7.28 -3.15 -9.23
C LEU A 298 -6.72 -4.50 -9.66
N TRP A 299 -5.64 -4.96 -9.02
CA TRP A 299 -5.10 -6.28 -9.35
C TRP A 299 -6.05 -7.38 -8.93
N THR A 300 -6.73 -7.21 -7.80
CA THR A 300 -7.68 -8.24 -7.36
C THR A 300 -8.81 -8.41 -8.36
N LEU A 301 -9.43 -7.31 -8.77
CA LEU A 301 -10.50 -7.39 -9.76
C LEU A 301 -9.97 -7.98 -11.08
N TYR A 302 -8.77 -7.61 -11.47
CA TYR A 302 -8.19 -8.16 -12.70
C TYR A 302 -8.01 -9.66 -12.60
N GLU A 303 -7.47 -10.14 -11.46
CA GLU A 303 -7.25 -11.57 -11.31
C GLU A 303 -8.56 -12.34 -11.18
N LEU A 304 -9.58 -11.73 -10.58
CA LEU A 304 -10.87 -12.41 -10.48
C LEU A 304 -11.51 -12.56 -11.86
N ALA A 305 -11.44 -11.51 -12.68
CA ALA A 305 -12.00 -11.60 -14.03
C ALA A 305 -11.22 -12.57 -14.89
N ARG A 306 -9.91 -12.70 -14.67
CA ARG A 306 -9.09 -13.63 -15.42
C ARG A 306 -9.17 -15.05 -14.89
N ASN A 307 -9.65 -15.22 -13.65
CA ASN A 307 -9.85 -16.53 -13.05
C ASN A 307 -11.30 -16.60 -12.57
N PRO A 308 -12.26 -16.70 -13.48
CA PRO A 308 -13.67 -16.63 -13.09
C PRO A 308 -14.08 -17.69 -12.09
N HIS A 309 -13.40 -18.84 -12.06
CA HIS A 309 -13.75 -19.88 -11.09
C HIS A 309 -13.50 -19.40 -9.66
N VAL A 310 -12.41 -18.66 -9.45
CA VAL A 310 -12.13 -18.11 -8.12
C VAL A 310 -13.18 -17.08 -7.76
N GLN A 311 -13.62 -16.27 -8.72
CA GLN A 311 -14.65 -15.29 -8.46
C GLN A 311 -15.94 -15.96 -7.97
N GLU A 312 -16.34 -17.05 -8.61
CA GLU A 312 -17.55 -17.76 -8.20
C GLU A 312 -17.39 -18.32 -6.78
N GLU A 313 -16.22 -18.87 -6.46
CA GLU A 313 -16.00 -19.40 -5.12
C GLU A 313 -16.13 -18.30 -4.07
N LEU A 314 -15.48 -17.16 -4.30
CA LEU A 314 -15.62 -16.05 -3.37
C LEU A 314 -17.07 -15.58 -3.29
N ARG A 315 -17.75 -15.47 -4.43
CA ARG A 315 -19.15 -15.05 -4.41
C ARG A 315 -20.00 -16.02 -3.61
N ALA A 316 -19.73 -17.32 -3.75
CA ALA A 316 -20.48 -18.32 -3.01
C ALA A 316 -20.28 -18.16 -1.51
N GLU A 317 -19.03 -18.02 -1.06
CA GLU A 317 -18.77 -17.88 0.37
C GLU A 317 -19.35 -16.59 0.93
N ILE A 318 -19.27 -15.50 0.16
CA ILE A 318 -19.78 -14.21 0.64
C ILE A 318 -21.30 -14.29 0.80
N LEU A 319 -22.00 -14.78 -0.22
CA LEU A 319 -23.44 -14.91 -0.13
C LEU A 319 -23.85 -15.74 1.08
N ALA A 320 -23.17 -16.87 1.31
CA ALA A 320 -23.48 -17.68 2.47
C ALA A 320 -23.26 -16.90 3.77
N ALA A 321 -22.15 -16.16 3.84
CA ALA A 321 -21.86 -15.38 5.05
C ALA A 321 -22.96 -14.34 5.30
N ARG A 322 -23.50 -13.75 4.23
CA ARG A 322 -24.54 -12.75 4.40
C ARG A 322 -25.75 -13.33 5.15
N GLN A 323 -26.16 -14.55 4.81
CA GLN A 323 -27.31 -15.15 5.47
C GLN A 323 -26.97 -15.58 6.90
N GLN A 324 -25.86 -16.28 7.08
CA GLN A 324 -25.49 -16.79 8.39
C GLN A 324 -25.08 -15.69 9.36
N ALA A 325 -25.09 -14.43 8.94
CA ALA A 325 -24.78 -13.32 9.83
C ALA A 325 -25.98 -12.48 10.20
N GLN A 326 -27.04 -12.49 9.38
CA GLN A 326 -28.24 -11.70 9.63
C GLN A 326 -27.89 -10.21 9.69
N GLY A 327 -27.21 -9.73 8.66
CA GLY A 327 -26.85 -8.33 8.53
C GLY A 327 -25.68 -7.88 9.37
N ASP A 328 -25.32 -8.61 10.43
CA ASP A 328 -24.22 -8.23 11.30
C ASP A 328 -22.91 -8.20 10.54
N LEU A 329 -22.40 -7.00 10.26
CA LEU A 329 -21.15 -6.89 9.49
C LEU A 329 -19.98 -7.52 10.24
N SER A 330 -19.87 -7.24 11.55
CA SER A 330 -18.78 -7.80 12.33
C SER A 330 -18.75 -9.32 12.21
N LYS A 331 -19.90 -9.97 12.33
CA LYS A 331 -19.97 -11.41 12.15
C LYS A 331 -19.60 -11.81 10.73
N MET A 332 -20.10 -11.06 9.74
CA MET A 332 -19.84 -11.42 8.35
C MET A 332 -18.37 -11.30 8.00
N LEU A 333 -17.69 -10.28 8.53
CA LEU A 333 -16.27 -10.10 8.24
C LEU A 333 -15.41 -11.21 8.83
N LYS A 334 -15.90 -11.90 9.86
CA LYS A 334 -15.20 -13.03 10.44
C LYS A 334 -15.58 -14.35 9.79
N SER A 335 -16.40 -14.33 8.74
CA SER A 335 -16.89 -15.53 8.07
C SER A 335 -16.47 -15.58 6.61
N VAL A 336 -15.41 -14.87 6.23
CA VAL A 336 -14.96 -14.84 4.84
C VAL A 336 -13.48 -15.20 4.78
N PRO A 337 -13.09 -16.40 5.21
CA PRO A 337 -11.66 -16.76 5.15
C PRO A 337 -11.09 -16.73 3.76
N LEU A 338 -11.81 -17.26 2.76
CA LEU A 338 -11.30 -17.26 1.39
C LEU A 338 -11.13 -15.83 0.87
N LEU A 339 -11.91 -14.88 1.40
CA LEU A 339 -11.77 -13.49 0.98
C LEU A 339 -10.46 -12.90 1.50
N LYS A 340 -10.13 -13.16 2.77
CA LYS A 340 -8.85 -12.73 3.31
C LYS A 340 -7.70 -13.44 2.62
N ALA A 341 -7.89 -14.69 2.21
CA ALA A 341 -6.86 -15.40 1.47
C ALA A 341 -6.68 -14.81 0.07
N ALA A 342 -7.78 -14.38 -0.56
CA ALA A 342 -7.66 -13.72 -1.85
C ALA A 342 -6.83 -12.45 -1.75
N ILE A 343 -7.01 -11.70 -0.66
CA ILE A 343 -6.20 -10.50 -0.44
C ILE A 343 -4.72 -10.87 -0.35
N LYS A 344 -4.40 -11.92 0.41
CA LYS A 344 -3.02 -12.39 0.49
C LYS A 344 -2.51 -12.83 -0.87
N GLU A 345 -3.36 -13.53 -1.65
CA GLU A 345 -2.93 -14.01 -2.95
C GLU A 345 -2.68 -12.87 -3.92
N THR A 346 -3.42 -11.77 -3.80
CA THR A 346 -3.17 -10.61 -4.65
C THR A 346 -1.87 -9.91 -4.26
N LEU A 347 -1.63 -9.74 -2.96
CA LEU A 347 -0.40 -9.12 -2.50
C LEU A 347 0.82 -10.01 -2.70
N ARG A 348 0.63 -11.31 -2.96
CA ARG A 348 1.76 -12.17 -3.28
C ARG A 348 2.26 -11.92 -4.69
N LEU A 349 1.35 -11.79 -5.66
CA LEU A 349 1.74 -11.55 -7.04
C LEU A 349 1.97 -10.08 -7.34
N TYR A 350 1.31 -9.18 -6.60
CA TYR A 350 1.38 -7.75 -6.85
C TYR A 350 1.59 -7.02 -5.54
N PRO A 351 2.76 -7.18 -4.92
CA PRO A 351 3.04 -6.47 -3.67
C PRO A 351 3.12 -4.97 -3.90
N VAL A 352 2.53 -4.21 -2.97
CA VAL A 352 2.56 -2.75 -3.08
C VAL A 352 3.99 -2.25 -2.96
N ALA A 353 4.86 -3.00 -2.27
CA ALA A 353 6.26 -2.64 -2.11
C ALA A 353 7.11 -3.82 -2.57
N VAL A 354 7.94 -3.59 -3.58
CA VAL A 354 8.76 -4.66 -4.15
C VAL A 354 9.69 -5.26 -3.10
N SER A 355 9.96 -4.55 -2.01
CA SER A 355 10.84 -5.06 -0.98
C SER A 355 10.57 -4.34 0.33
N LEU A 356 10.83 -5.04 1.43
CA LEU A 356 10.87 -4.45 2.75
C LEU A 356 12.32 -4.18 3.13
N GLN A 357 12.57 -3.03 3.76
CA GLN A 357 13.93 -2.63 4.10
C GLN A 357 14.06 -2.49 5.60
N ARG A 358 15.21 -2.87 6.12
CA ARG A 358 15.54 -2.72 7.53
C ARG A 358 17.03 -2.48 7.65
N TYR A 359 17.41 -1.45 8.40
CA TYR A 359 18.80 -1.21 8.72
C TYR A 359 19.20 -2.06 9.91
N ILE A 360 20.20 -2.92 9.72
CA ILE A 360 20.61 -3.85 10.77
C ILE A 360 21.21 -3.08 11.94
N THR A 361 20.85 -3.49 13.15
CA THR A 361 21.41 -2.91 14.37
C THR A 361 22.44 -3.80 15.04
N GLU A 362 22.54 -5.07 14.64
CA GLU A 362 23.50 -6.00 15.21
C GLU A 362 23.97 -6.95 14.13
N ASP A 363 25.24 -7.34 14.21
CA ASP A 363 25.84 -8.27 13.21
C ASP A 363 25.03 -9.57 13.19
N ILE A 364 24.67 -10.05 12.00
CA ILE A 364 23.91 -11.27 11.83
C ILE A 364 24.61 -12.14 10.79
N VAL A 365 23.99 -13.28 10.49
CA VAL A 365 24.52 -14.22 9.50
C VAL A 365 23.35 -14.73 8.67
N LEU A 366 23.43 -14.56 7.35
CA LEU A 366 22.40 -15.00 6.42
C LEU A 366 23.05 -15.85 5.35
N GLN A 367 22.60 -17.10 5.22
CA GLN A 367 23.15 -18.03 4.24
C GLN A 367 24.65 -18.25 4.48
N ASN A 368 25.03 -18.28 5.76
CA ASN A 368 26.42 -18.44 6.16
C ASN A 368 27.28 -17.31 5.60
N TYR A 369 26.83 -16.08 5.82
CA TYR A 369 27.56 -14.88 5.45
C TYR A 369 27.45 -13.87 6.59
N HIS A 370 28.56 -13.20 6.89
CA HIS A 370 28.57 -12.20 7.94
C HIS A 370 27.99 -10.89 7.40
N ILE A 371 26.99 -10.35 8.09
CA ILE A 371 26.35 -9.11 7.70
C ILE A 371 26.62 -8.06 8.78
N PRO A 372 27.55 -7.13 8.55
CA PRO A 372 27.91 -6.18 9.61
C PRO A 372 26.73 -5.32 10.03
N ALA A 373 26.78 -4.86 11.27
CA ALA A 373 25.72 -3.99 11.78
C ALA A 373 25.63 -2.72 10.95
N GLY A 374 24.43 -2.16 10.87
CA GLY A 374 24.18 -0.98 10.08
C GLY A 374 23.93 -1.22 8.60
N THR A 375 24.24 -2.40 8.09
CA THR A 375 23.99 -2.70 6.70
C THR A 375 22.49 -2.68 6.41
N LEU A 376 22.12 -2.17 5.24
CA LEU A 376 20.73 -2.17 4.80
C LEU A 376 20.42 -3.51 4.15
N VAL A 377 19.41 -4.20 4.66
CA VAL A 377 19.00 -5.50 4.15
C VAL A 377 17.56 -5.37 3.67
N GLN A 378 17.32 -5.88 2.46
CA GLN A 378 15.97 -5.79 1.87
C GLN A 378 15.43 -7.20 1.58
N VAL A 379 14.15 -7.39 1.85
CA VAL A 379 13.46 -8.65 1.60
C VAL A 379 12.69 -8.49 0.30
N GLY A 380 13.13 -9.15 -0.76
CA GLY A 380 12.49 -9.04 -2.05
C GLY A 380 11.12 -9.68 -2.10
N LEU A 381 10.07 -8.91 -1.79
CA LEU A 381 8.72 -9.47 -1.79
C LEU A 381 8.31 -9.93 -3.19
N TYR A 382 8.65 -9.16 -4.22
CA TYR A 382 8.21 -9.51 -5.57
C TYR A 382 8.86 -10.80 -6.05
N ALA A 383 10.14 -11.00 -5.74
CA ALA A 383 10.81 -12.24 -6.15
C ALA A 383 10.29 -13.42 -5.36
N MET A 384 10.01 -13.22 -4.07
CA MET A 384 9.50 -14.31 -3.24
C MET A 384 8.17 -14.83 -3.77
N GLY A 385 7.25 -13.92 -4.10
CA GLY A 385 5.91 -14.31 -4.51
C GLY A 385 5.87 -15.08 -5.82
N ARG A 386 6.91 -14.96 -6.65
CA ARG A 386 6.94 -15.60 -7.95
C ARG A 386 8.01 -16.68 -8.05
N ASN A 387 8.54 -17.14 -6.91
CA ASN A 387 9.53 -18.20 -6.91
C ASN A 387 8.83 -19.55 -6.72
N PRO A 388 8.98 -20.50 -7.64
CA PRO A 388 8.30 -21.78 -7.47
C PRO A 388 8.78 -22.56 -6.25
N GLU A 389 10.01 -22.32 -5.81
CA GLU A 389 10.50 -22.97 -4.59
C GLU A 389 9.63 -22.61 -3.39
N ILE A 390 9.38 -21.32 -3.18
CA ILE A 390 8.62 -20.87 -2.02
C ILE A 390 7.13 -21.09 -2.22
N PHE A 391 6.64 -20.88 -3.44
CA PHE A 391 5.21 -21.03 -3.75
C PHE A 391 5.03 -21.93 -4.96
N PRO A 392 4.47 -23.12 -4.78
CA PRO A 392 4.23 -23.99 -5.95
C PRO A 392 3.17 -23.40 -6.87
N ASN A 393 3.43 -23.51 -8.17
CA ASN A 393 2.59 -22.88 -9.19
C ASN A 393 2.39 -21.40 -8.87
N PRO A 394 3.49 -20.62 -8.84
CA PRO A 394 3.35 -19.22 -8.40
C PRO A 394 2.51 -18.38 -9.33
N GLU A 395 2.49 -18.68 -10.63
CA GLU A 395 1.78 -17.86 -11.60
C GLU A 395 0.27 -18.10 -11.59
N GLN A 396 -0.22 -19.05 -10.81
CA GLN A 396 -1.65 -19.29 -10.70
C GLN A 396 -2.23 -18.51 -9.52
N TYR A 397 -3.35 -17.83 -9.76
CA TYR A 397 -4.05 -17.11 -8.71
C TYR A 397 -4.99 -18.09 -8.01
N ASN A 398 -4.53 -18.65 -6.90
CA ASN A 398 -5.30 -19.63 -6.13
C ASN A 398 -5.33 -19.21 -4.67
N PRO A 399 -6.38 -18.52 -4.23
CA PRO A 399 -6.45 -18.10 -2.82
C PRO A 399 -6.46 -19.25 -1.84
N GLU A 400 -6.74 -20.48 -2.29
CA GLU A 400 -6.80 -21.60 -1.36
C GLU A 400 -5.44 -21.93 -0.78
N ARG A 401 -4.36 -21.58 -1.47
CA ARG A 401 -3.02 -21.89 -0.95
C ARG A 401 -2.75 -21.24 0.39
N TRP A 402 -3.59 -20.31 0.83
CA TRP A 402 -3.43 -19.67 2.14
C TRP A 402 -4.38 -20.24 3.19
N LEU A 403 -5.39 -20.99 2.79
CA LEU A 403 -6.42 -21.46 3.71
C LEU A 403 -5.98 -22.74 4.39
N LYS A 404 -6.17 -22.80 5.71
CA LYS A 404 -5.87 -23.98 6.51
C LYS A 404 -4.53 -24.59 6.11
N ARG A 405 -3.52 -23.74 5.93
CA ARG A 405 -2.17 -24.19 5.58
C ARG A 405 -1.22 -24.19 6.77
N GLU A 406 -1.31 -23.19 7.63
CA GLU A 406 -0.47 -23.13 8.82
C GLU A 406 -1.26 -22.58 10.00
N ASN A 408 2.62 -19.81 8.07
CA ASN A 408 3.38 -19.08 7.05
C ASN A 408 3.96 -17.80 7.64
N HIS A 409 3.15 -16.74 7.67
CA HIS A 409 3.55 -15.46 8.25
C HIS A 409 4.64 -14.80 7.42
N PHE A 410 5.83 -15.39 7.41
CA PHE A 410 6.94 -14.86 6.61
C PHE A 410 6.79 -15.19 5.13
N LYS A 411 5.65 -15.74 4.73
CA LYS A 411 5.27 -15.82 3.33
C LYS A 411 4.24 -14.77 2.94
N SER A 412 3.48 -14.23 3.89
CA SER A 412 2.49 -13.20 3.65
C SER A 412 2.96 -11.89 4.29
N LEU A 413 4.01 -11.30 3.70
CA LEU A 413 4.60 -10.08 4.20
C LEU A 413 4.10 -8.84 3.46
N GLY A 414 2.89 -8.91 2.88
CA GLY A 414 2.39 -7.78 2.11
C GLY A 414 2.27 -6.50 2.92
N PHE A 415 1.91 -6.63 4.19
CA PHE A 415 1.78 -5.49 5.09
C PHE A 415 2.99 -5.34 6.00
N GLY A 416 4.09 -6.02 5.70
CA GLY A 416 5.27 -5.95 6.54
C GLY A 416 5.18 -6.91 7.72
N PHE A 417 5.94 -6.59 8.76
CA PHE A 417 6.00 -7.46 9.93
C PHE A 417 6.72 -6.72 11.05
N GLY A 418 6.33 -7.04 12.28
CA GLY A 418 6.99 -6.49 13.45
C GLY A 418 6.27 -5.28 14.00
N PRO A 419 6.91 -4.58 14.94
CA PRO A 419 6.27 -3.39 15.52
C PRO A 419 6.01 -2.30 14.50
N ARG A 420 6.86 -2.16 13.47
CA ARG A 420 6.68 -1.12 12.47
C ARG A 420 6.07 -1.65 11.18
N GLN A 421 5.19 -2.63 11.29
CA GLN A 421 4.41 -3.08 10.14
C GLN A 421 3.44 -1.98 9.73
N CYS A 422 2.69 -2.24 8.65
CA CYS A 422 1.69 -1.28 8.20
C CYS A 422 0.68 -1.01 9.29
N ILE A 423 0.61 0.24 9.76
CA ILE A 423 -0.33 0.61 10.81
C ILE A 423 -1.76 0.67 10.31
N GLY A 424 -1.98 0.64 9.00
CA GLY A 424 -3.31 0.62 8.43
C GLY A 424 -3.76 -0.72 7.88
N ARG A 425 -3.05 -1.81 8.20
CA ARG A 425 -3.39 -3.11 7.62
C ARG A 425 -4.85 -3.47 7.85
N ARG A 426 -5.33 -3.35 9.10
CA ARG A 426 -6.71 -3.72 9.38
C ARG A 426 -7.69 -2.79 8.68
N ILE A 427 -7.36 -1.50 8.57
CA ILE A 427 -8.22 -0.60 7.82
C ILE A 427 -8.27 -1.01 6.35
N ALA A 428 -7.12 -1.33 5.78
CA ALA A 428 -7.08 -1.73 4.37
C ALA A 428 -7.78 -3.08 4.17
N GLU A 429 -7.48 -4.06 5.02
CA GLU A 429 -8.12 -5.36 4.91
C GLU A 429 -9.63 -5.24 5.03
N THR A 430 -10.10 -4.48 6.01
CA THR A 430 -11.54 -4.26 6.15
C THR A 430 -12.11 -3.58 4.91
N GLU A 431 -11.48 -2.47 4.50
CA GLU A 431 -11.99 -1.72 3.35
C GLU A 431 -12.05 -2.58 2.10
N MET A 432 -11.02 -3.39 1.85
CA MET A 432 -11.01 -4.23 0.65
C MET A 432 -11.99 -5.39 0.77
N GLN A 433 -12.17 -5.94 1.97
CA GLN A 433 -13.17 -6.99 2.15
C GLN A 433 -14.57 -6.44 1.94
N LEU A 434 -14.88 -5.30 2.56
CA LEU A 434 -16.20 -4.70 2.37
C LEU A 434 -16.44 -4.34 0.91
N PHE A 435 -15.39 -3.89 0.21
CA PHE A 435 -15.52 -3.59 -1.21
C PHE A 435 -15.87 -4.85 -2.00
N LEU A 436 -15.06 -5.89 -1.84
CA LEU A 436 -15.30 -7.12 -2.58
C LEU A 436 -16.65 -7.73 -2.23
N ILE A 437 -17.06 -7.64 -0.97
CA ILE A 437 -18.35 -8.18 -0.55
C ILE A 437 -19.48 -7.53 -1.36
N HIS A 438 -19.52 -6.20 -1.37
CA HIS A 438 -20.60 -5.51 -2.07
C HIS A 438 -20.49 -5.69 -3.58
N MET A 439 -19.26 -5.64 -4.12
CA MET A 439 -19.09 -5.77 -5.56
C MET A 439 -19.51 -7.15 -6.05
N LEU A 440 -19.04 -8.20 -5.38
CA LEU A 440 -19.35 -9.56 -5.84
C LEU A 440 -20.79 -9.96 -5.59
N GLN A 441 -21.49 -9.27 -4.66
CA GLN A 441 -22.91 -9.54 -4.47
C GLN A 441 -23.74 -8.98 -5.62
N ASN A 442 -23.27 -7.94 -6.28
CA ASN A 442 -24.04 -7.23 -7.28
C ASN A 442 -23.61 -7.50 -8.70
N PHE A 443 -22.31 -7.67 -8.96
CA PHE A 443 -21.80 -7.69 -10.32
C PHE A 443 -20.91 -8.91 -10.54
N LYS A 444 -20.83 -9.32 -11.80
CA LYS A 444 -19.84 -10.28 -12.27
C LYS A 444 -18.79 -9.52 -13.07
N ILE A 445 -17.52 -9.74 -12.73
CA ILE A 445 -16.41 -9.07 -13.40
C ILE A 445 -15.86 -10.01 -14.46
N GLU A 446 -15.80 -9.54 -15.70
CA GLU A 446 -15.27 -10.30 -16.82
C GLU A 446 -14.18 -9.49 -17.50
N THR A 447 -13.07 -10.14 -17.83
CA THR A 447 -12.01 -9.46 -18.54
C THR A 447 -12.41 -9.29 -20.00
N ASN A 448 -12.31 -8.06 -20.50
CA ASN A 448 -12.69 -7.79 -21.87
C ASN A 448 -11.99 -8.74 -22.83
N SER A 449 -10.70 -9.00 -22.59
CA SER A 449 -9.94 -9.95 -23.40
C SER A 449 -8.89 -10.60 -22.51
N MET A 450 -8.73 -11.91 -22.70
CA MET A 450 -7.72 -12.66 -21.95
C MET A 450 -6.29 -12.31 -22.35
N ALA A 451 -6.09 -11.26 -23.15
CA ALA A 451 -4.75 -10.81 -23.50
C ALA A 451 -3.95 -10.53 -22.24
N GLU A 452 -2.63 -10.58 -22.32
CA GLU A 452 -1.79 -10.51 -21.14
C GLU A 452 -1.42 -9.08 -20.81
N VAL A 453 -1.44 -8.76 -19.52
CA VAL A 453 -1.16 -7.42 -19.01
C VAL A 453 0.15 -7.50 -18.22
N LYS A 454 1.13 -6.71 -18.63
CA LYS A 454 2.45 -6.72 -18.01
C LYS A 454 2.53 -5.67 -16.91
N THR A 455 3.39 -5.93 -15.94
CA THR A 455 3.54 -5.03 -14.79
C THR A 455 4.74 -4.13 -14.97
N THR A 456 4.66 -2.94 -14.37
CA THR A 456 5.75 -1.98 -14.36
C THR A 456 5.84 -1.37 -12.97
N PHE A 457 7.00 -0.79 -12.67
CA PHE A 457 7.24 -0.20 -11.36
C PHE A 457 7.18 1.32 -11.42
N ASP A 458 6.53 1.91 -10.44
CA ASP A 458 6.42 3.36 -10.32
C ASP A 458 5.77 3.69 -8.99
N LEU A 459 6.59 3.85 -7.95
CA LEU A 459 6.09 3.92 -6.58
C LEU A 459 5.59 2.55 -6.13
N ILE A 460 4.67 1.96 -6.89
CA ILE A 460 4.15 0.63 -6.62
C ILE A 460 4.09 -0.13 -7.94
N LEU A 461 3.57 -1.35 -7.88
CA LEU A 461 3.38 -2.16 -9.08
C LEU A 461 2.09 -1.76 -9.76
N VAL A 462 2.18 -1.25 -10.98
CA VAL A 462 1.02 -0.80 -11.73
C VAL A 462 1.01 -1.46 -13.10
N PRO A 463 -0.15 -1.70 -13.70
CA PRO A 463 -0.17 -2.30 -15.04
C PRO A 463 0.39 -1.34 -16.08
N GLU A 464 1.19 -1.89 -16.99
CA GLU A 464 1.78 -1.06 -18.04
C GLU A 464 0.72 -0.35 -18.86
N LYS A 465 -0.45 -0.95 -19.03
CA LYS A 465 -1.51 -0.41 -19.85
C LYS A 465 -2.86 -0.61 -19.16
N PRO A 466 -3.82 0.26 -19.42
CA PRO A 466 -5.09 0.20 -18.68
C PRO A 466 -5.73 -1.17 -18.76
N ILE A 467 -6.39 -1.56 -17.67
CA ILE A 467 -7.09 -2.84 -17.57
C ILE A 467 -8.57 -2.59 -17.83
N LEU A 468 -9.10 -3.16 -18.89
CA LEU A 468 -10.51 -3.03 -19.23
C LEU A 468 -11.29 -4.19 -18.63
N LEU A 469 -12.21 -3.88 -17.73
CA LEU A 469 -13.06 -4.88 -17.11
C LEU A 469 -14.51 -4.62 -17.46
N THR A 470 -15.28 -5.69 -17.54
CA THR A 470 -16.71 -5.62 -17.85
C THR A 470 -17.51 -6.05 -16.63
N LEU A 471 -18.49 -5.23 -16.27
CA LEU A 471 -19.32 -5.48 -15.09
C LEU A 471 -20.75 -5.75 -15.52
N ARG A 472 -21.30 -6.88 -15.08
CA ARG A 472 -22.67 -7.26 -15.37
C ARG A 472 -23.45 -7.43 -14.07
N PRO A 473 -24.67 -6.90 -13.98
CA PRO A 473 -25.50 -7.15 -12.80
C PRO A 473 -25.76 -8.64 -12.62
N ILE A 474 -25.87 -9.06 -11.37
CA ILE A 474 -26.07 -10.47 -11.06
C ILE A 474 -27.16 -10.64 -10.01
#